data_2NQD
#
_entry.id   2NQD
#
_cell.length_a   59.270
_cell.length_b   50.063
_cell.length_c   65.008
_cell.angle_alpha   90.000
_cell.angle_beta   103.440
_cell.angle_gamma   90.000
#
_symmetry.space_group_name_H-M   'P 1 21 1'
#
loop_
_entity.id
_entity.type
_entity.pdbx_description
1 polymer Chagasin
2 polymer 'Cathepsin L'
3 branched 2-acetamido-2-deoxy-beta-D-glucopyranose-(1-4)-2-acetamido-2-deoxy-beta-D-glucopyranose
4 non-polymer 'SODIUM ION'
5 non-polymer 'CHLORIDE ION'
6 water water
#
loop_
_entity_poly.entity_id
_entity_poly.type
_entity_poly.pdbx_seq_one_letter_code
_entity_poly.pdbx_strand_id
1 'polypeptide(L)'
;SHKVTKAHNGATLTVAVGELVEIQLPSNPTTGFAWYFEGGTKESPNESMFTVENKYFPPDSKLLGAGGTEHFHVTVKAAG
THAVNLTYMRPWTGPSHDSERFTVYLKAN
;
A
2 'polypeptide(L)'
;EAPRSVDWREKGYVTPVKNQGQCGSAWAFSATGALEGQMFRKTGRLISLSEQNLVDCSGPQGNEGCNGGLMDYAFQYVQD
NGGLDSEESYPYEATEESCKYNPKYSVANDTGFVDIPKQEKALMKAVATVGPISVAIDAGHESFLFYKEGIYFEPDCSSE
DMDHGVLVVGYGFESTESDNNKYWLVKNSWGEEWGMGGYVKMAKDRRNHCGIASAASYPTV
;
B
#
loop_
_chem_comp.id
_chem_comp.type
_chem_comp.name
_chem_comp.formula
CL non-polymer 'CHLORIDE ION' 'Cl -1'
NA non-polymer 'SODIUM ION' 'Na 1'
NAG D-saccharide, beta linking 2-acetamido-2-deoxy-beta-D-glucopyranose 'C8 H15 N O6'
#
# COMPACT_ATOMS: atom_id res chain seq x y z
N SER A 1 -25.93 16.11 -12.59
CA SER A 1 -26.49 17.49 -12.51
C SER A 1 -25.55 18.50 -11.83
N HIS A 2 -24.84 18.05 -10.79
CA HIS A 2 -23.65 18.75 -10.33
C HIS A 2 -22.48 17.78 -10.10
N LYS A 3 -21.44 17.99 -10.90
CA LYS A 3 -20.19 17.26 -10.70
C LYS A 3 -19.12 18.29 -10.39
N VAL A 4 -18.17 17.90 -9.54
CA VAL A 4 -17.07 18.79 -9.17
C VAL A 4 -15.79 17.97 -8.99
N THR A 5 -14.70 18.57 -9.44
CA THR A 5 -13.37 17.96 -9.36
C THR A 5 -12.43 18.97 -8.71
N LYS A 6 -11.14 18.66 -8.66
CA LYS A 6 -10.13 19.58 -8.16
C LYS A 6 -10.14 20.92 -8.87
N ALA A 7 -10.51 20.92 -10.16
CA ALA A 7 -10.59 22.14 -10.96
C ALA A 7 -11.54 23.16 -10.34
N HIS A 8 -12.44 22.69 -9.48
CA HIS A 8 -13.46 23.55 -8.89
C HIS A 8 -13.24 23.88 -7.40
N ASN A 9 -12.02 23.66 -6.91
CA ASN A 9 -11.62 24.03 -5.54
C ASN A 9 -12.00 25.48 -5.21
N GLY A 10 -12.82 25.65 -4.18
CA GLY A 10 -13.22 26.96 -3.68
C GLY A 10 -14.48 27.53 -4.33
N ALA A 11 -15.08 26.77 -5.24
CA ALA A 11 -16.28 27.22 -5.95
C ALA A 11 -17.54 27.14 -5.08
N THR A 12 -18.62 27.80 -5.52
CA THR A 12 -19.94 27.68 -4.90
C THR A 12 -20.92 27.18 -5.95
N LEU A 13 -21.63 26.11 -5.63
CA LEU A 13 -22.69 25.61 -6.46
C LEU A 13 -24.00 25.96 -5.78
N THR A 14 -24.94 26.49 -6.54
CA THR A 14 -26.28 26.67 -6.04
C THR A 14 -27.08 25.44 -6.40
N VAL A 15 -27.67 24.81 -5.39
CA VAL A 15 -28.41 23.56 -5.55
C VAL A 15 -29.77 23.68 -4.87
N ALA A 16 -30.68 22.79 -5.22
CA ALA A 16 -31.96 22.73 -4.52
C ALA A 16 -31.80 21.75 -3.38
N VAL A 17 -32.62 21.89 -2.35
CA VAL A 17 -32.69 20.90 -1.28
C VAL A 17 -33.04 19.55 -1.91
N GLY A 18 -32.29 18.52 -1.52
CA GLY A 18 -32.49 17.17 -2.01
C GLY A 18 -31.70 16.81 -3.26
N GLU A 19 -30.97 17.78 -3.80
CA GLU A 19 -30.21 17.58 -5.03
C GLU A 19 -28.84 17.01 -4.67
N LEU A 20 -28.31 16.11 -5.53
CA LEU A 20 -27.04 15.41 -5.26
C LEU A 20 -25.90 16.10 -5.98
N VAL A 21 -24.77 16.27 -5.28
CA VAL A 21 -23.56 16.81 -5.88
C VAL A 21 -22.51 15.71 -5.79
N GLU A 22 -21.88 15.41 -6.94
CA GLU A 22 -20.82 14.41 -6.95
C GLU A 22 -19.45 15.07 -6.95
N ILE A 23 -18.62 14.76 -5.95
CA ILE A 23 -17.25 15.28 -5.87
C ILE A 23 -16.32 14.11 -6.21
N GLN A 24 -15.41 14.32 -7.14
CA GLN A 24 -14.44 13.29 -7.52
C GLN A 24 -13.02 13.85 -7.35
N LEU A 25 -12.20 13.16 -6.54
CA LEU A 25 -10.83 13.62 -6.24
C LEU A 25 -9.82 12.48 -6.41
N PRO A 26 -8.60 12.77 -6.95
CA PRO A 26 -7.57 11.71 -7.02
C PRO A 26 -7.26 11.21 -5.59
N SER A 27 -7.08 9.90 -5.42
CA SER A 27 -6.84 9.31 -4.10
C SER A 27 -6.13 7.97 -4.27
N ASN A 28 -5.14 7.73 -3.42
CA ASN A 28 -4.34 6.53 -3.54
C ASN A 28 -4.16 5.87 -2.15
N PRO A 29 -5.08 4.96 -1.78
CA PRO A 29 -5.04 4.37 -0.42
C PRO A 29 -3.83 3.45 -0.31
N THR A 30 -3.23 3.06 -1.44
CA THR A 30 -1.99 2.22 -1.34
C THR A 30 -0.78 3.00 -0.80
N THR A 31 -0.91 4.33 -0.71
CA THR A 31 0.13 5.17 -0.09
C THR A 31 -0.20 5.51 1.39
N GLY A 32 -1.36 5.05 1.83
CA GLY A 32 -1.85 5.32 3.20
C GLY A 32 -2.73 6.57 3.30
N PHE A 33 -2.83 7.36 2.22
CA PHE A 33 -3.56 8.63 2.24
C PHE A 33 -4.99 8.47 1.78
N ALA A 34 -5.88 9.31 2.31
CA ALA A 34 -7.24 9.45 1.76
C ALA A 34 -7.81 10.81 2.14
N TRP A 35 -9.01 11.13 1.66
CA TRP A 35 -9.63 12.42 1.95
C TRP A 35 -10.61 12.32 3.12
N TYR A 36 -10.58 13.31 4.01
CA TYR A 36 -11.44 13.28 5.21
C TYR A 36 -11.93 14.64 5.58
N PHE A 37 -13.10 14.66 6.21
CA PHE A 37 -13.55 15.83 6.99
C PHE A 37 -12.73 15.94 8.27
N GLU A 38 -12.79 17.10 8.92
CA GLU A 38 -12.02 17.31 10.16
C GLU A 38 -12.25 16.20 11.17
N GLY A 39 -11.16 15.75 11.79
CA GLY A 39 -11.22 14.62 12.72
C GLY A 39 -11.09 13.26 12.06
N GLY A 40 -10.87 13.21 10.74
CA GLY A 40 -10.56 11.93 10.10
C GLY A 40 -11.79 11.07 9.91
N THR A 41 -12.89 11.72 9.55
CA THR A 41 -14.15 11.06 9.27
C THR A 41 -14.58 11.26 7.81
N LYS A 42 -15.38 10.34 7.28
CA LYS A 42 -16.01 10.53 5.95
C LYS A 42 -17.43 11.05 6.03
N GLU A 43 -17.96 11.14 7.25
CA GLU A 43 -19.34 11.54 7.45
C GLU A 43 -19.53 13.04 7.53
N SER A 44 -20.74 13.50 7.19
CA SER A 44 -21.13 14.90 7.34
C SER A 44 -20.93 15.38 8.76
N PRO A 45 -20.49 16.64 8.95
CA PRO A 45 -20.46 17.28 10.29
C PRO A 45 -21.84 17.48 10.90
N ASN A 46 -22.86 17.59 10.07
CA ASN A 46 -24.23 17.85 10.52
C ASN A 46 -25.16 17.09 9.55
N GLU A 47 -25.59 15.87 9.93
CA GLU A 47 -26.48 15.04 9.07
C GLU A 47 -27.81 15.69 8.67
N SER A 48 -28.36 16.55 9.53
CA SER A 48 -29.61 17.23 9.24
C SER A 48 -29.46 18.32 8.19
N MET A 49 -28.24 18.80 8.00
CA MET A 49 -27.91 19.84 7.04
C MET A 49 -27.54 19.26 5.66
N PHE A 50 -26.63 18.29 5.65
CA PHE A 50 -26.34 17.54 4.43
C PHE A 50 -25.82 16.12 4.75
N THR A 51 -26.09 15.16 3.86
CA THR A 51 -25.59 13.81 4.04
C THR A 51 -24.46 13.55 3.05
N VAL A 52 -23.58 12.61 3.41
CA VAL A 52 -22.45 12.24 2.55
C VAL A 52 -22.33 10.73 2.39
N GLU A 53 -22.12 10.28 1.15
CA GLU A 53 -21.68 8.91 0.90
C GLU A 53 -20.30 8.97 0.29
N ASN A 54 -19.48 7.97 0.56
CA ASN A 54 -18.10 7.95 0.08
C ASN A 54 -17.77 6.57 -0.49
N LYS A 55 -17.06 6.54 -1.61
CA LYS A 55 -16.64 5.29 -2.25
C LYS A 55 -15.31 5.47 -2.98
N TYR A 56 -14.43 4.47 -2.84
CA TYR A 56 -13.15 4.46 -3.57
C TYR A 56 -13.28 3.64 -4.83
N PHE A 57 -12.67 4.14 -5.91
CA PHE A 57 -12.63 3.51 -7.23
C PHE A 57 -11.16 3.19 -7.63
N PRO A 58 -10.73 1.91 -7.52
CA PRO A 58 -9.35 1.54 -7.92
C PRO A 58 -9.13 1.77 -9.43
N PRO A 59 -7.89 2.06 -9.84
CA PRO A 59 -7.63 2.25 -11.26
C PRO A 59 -7.62 0.91 -12.01
N ASP A 60 -7.85 0.98 -13.32
CA ASP A 60 -7.63 -0.19 -14.17
C ASP A 60 -6.16 -0.22 -14.58
N SER A 61 -5.43 -1.18 -14.00
CA SER A 61 -3.96 -1.21 -14.13
C SER A 61 -3.42 -2.59 -13.90
N LYS A 62 -2.38 -2.97 -14.62
CA LYS A 62 -1.73 -4.25 -14.33
C LYS A 62 -0.70 -4.08 -13.21
N LEU A 63 -0.51 -2.85 -12.74
CA LEU A 63 0.54 -2.54 -11.77
C LEU A 63 -0.03 -2.37 -10.36
N LEU A 64 0.85 -2.40 -9.36
CA LEU A 64 0.43 -2.14 -7.99
C LEU A 64 0.84 -0.71 -7.60
N GLY A 65 -0.12 0.07 -7.09
CA GLY A 65 0.16 1.41 -6.56
C GLY A 65 -0.20 2.59 -7.45
N ALA A 66 -0.81 2.30 -8.60
CA ALA A 66 -1.44 3.34 -9.44
C ALA A 66 -2.53 4.09 -8.65
N GLY A 67 -2.65 5.41 -8.87
CA GLY A 67 -3.69 6.20 -8.16
C GLY A 67 -5.09 5.94 -8.68
N GLY A 68 -6.07 5.96 -7.77
CA GLY A 68 -7.46 5.87 -8.14
C GLY A 68 -8.19 7.17 -7.83
N THR A 69 -9.45 7.04 -7.42
CA THR A 69 -10.30 8.22 -7.27
C THR A 69 -11.26 7.96 -6.10
N GLU A 70 -11.52 8.97 -5.26
CA GLU A 70 -12.61 8.87 -4.30
C GLU A 70 -13.79 9.68 -4.78
N HIS A 71 -14.99 9.13 -4.64
CA HIS A 71 -16.20 9.91 -4.87
C HIS A 71 -16.93 10.19 -3.57
N PHE A 72 -17.33 11.45 -3.38
CA PHE A 72 -18.17 11.85 -2.27
C PHE A 72 -19.51 12.28 -2.89
N HIS A 73 -20.61 11.66 -2.48
CA HIS A 73 -21.95 12.03 -2.94
C HIS A 73 -22.56 12.86 -1.83
N VAL A 74 -22.79 14.16 -2.07
CA VAL A 74 -23.32 15.04 -1.02
C VAL A 74 -24.73 15.47 -1.36
N THR A 75 -25.67 15.28 -0.41
CA THR A 75 -27.07 15.68 -0.63
C THR A 75 -27.47 16.72 0.39
N VAL A 76 -27.88 17.89 -0.09
CA VAL A 76 -28.22 19.00 0.78
C VAL A 76 -29.66 18.80 1.27
N LYS A 77 -29.87 18.94 2.57
CA LYS A 77 -31.17 18.61 3.22
C LYS A 77 -31.97 19.84 3.70
N ALA A 78 -31.33 21.01 3.70
CA ALA A 78 -31.99 22.24 4.17
C ALA A 78 -31.34 23.45 3.52
N ALA A 79 -32.07 24.58 3.53
CA ALA A 79 -31.55 25.87 3.11
C ALA A 79 -30.30 26.18 3.94
N GLY A 80 -29.26 26.68 3.28
CA GLY A 80 -28.05 27.13 3.98
C GLY A 80 -26.92 27.33 2.99
N THR A 81 -25.75 27.72 3.50
CA THR A 81 -24.52 27.76 2.69
C THR A 81 -23.62 26.69 3.31
N HIS A 82 -23.60 25.53 2.68
CA HIS A 82 -23.00 24.37 3.29
C HIS A 82 -21.55 24.21 2.86
N ALA A 83 -20.62 24.30 3.80
CA ALA A 83 -19.21 24.19 3.47
C ALA A 83 -18.79 22.74 3.56
N VAL A 84 -18.19 22.25 2.48
CA VAL A 84 -17.65 20.89 2.42
C VAL A 84 -16.12 21.01 2.38
N ASN A 85 -15.47 20.65 3.49
CA ASN A 85 -14.04 20.89 3.68
C ASN A 85 -13.28 19.59 3.85
N LEU A 86 -12.47 19.24 2.88
CA LEU A 86 -11.76 17.95 2.92
C LEU A 86 -10.25 18.16 2.95
N THR A 87 -9.52 17.21 3.55
CA THR A 87 -8.07 17.21 3.66
C THR A 87 -7.50 15.84 3.25
N TYR A 88 -6.44 15.87 2.45
CA TYR A 88 -5.81 14.60 2.01
C TYR A 88 -4.67 14.27 2.95
N MET A 89 -4.77 13.15 3.65
CA MET A 89 -3.83 12.84 4.74
C MET A 89 -3.81 11.33 5.06
N ARG A 90 -2.78 10.91 5.78
CA ARG A 90 -2.79 9.58 6.38
C ARG A 90 -3.52 9.77 7.70
N PRO A 91 -4.60 8.99 7.94
CA PRO A 91 -5.45 9.30 9.09
C PRO A 91 -4.78 9.12 10.45
N TRP A 92 -3.78 8.23 10.53
CA TRP A 92 -3.12 7.95 11.79
C TRP A 92 -2.05 8.98 12.10
N THR A 93 -1.77 9.86 11.14
CA THR A 93 -0.71 10.86 11.26
C THR A 93 -1.40 12.19 11.44
N GLY A 94 -2.54 12.35 10.76
CA GLY A 94 -3.33 13.60 10.77
C GLY A 94 -2.79 14.67 9.83
N PRO A 95 -3.42 15.85 9.85
CA PRO A 95 -3.06 16.89 8.88
C PRO A 95 -1.86 17.76 9.30
N SER A 96 -1.29 18.47 8.33
CA SER A 96 -0.37 19.57 8.63
C SER A 96 -0.74 20.78 7.80
N HIS A 97 -0.02 21.88 8.02
CA HIS A 97 -0.18 23.11 7.25
C HIS A 97 -0.02 22.83 5.76
N ASP A 98 0.90 21.94 5.40
CA ASP A 98 1.18 21.60 4.00
C ASP A 98 0.16 20.66 3.34
N SER A 99 -0.71 20.01 4.10
CA SER A 99 -1.63 19.02 3.53
C SER A 99 -2.49 19.61 2.42
N GLU A 100 -2.74 18.82 1.38
CA GLU A 100 -3.65 19.23 0.31
C GLU A 100 -5.10 19.31 0.81
N ARG A 101 -5.78 20.39 0.42
CA ARG A 101 -7.17 20.59 0.85
C ARG A 101 -8.10 20.86 -0.32
N PHE A 102 -9.36 20.51 -0.13
CA PHE A 102 -10.38 20.78 -1.13
C PHE A 102 -11.60 21.35 -0.42
N THR A 103 -12.17 22.42 -0.98
CA THR A 103 -13.39 23.03 -0.42
C THR A 103 -14.35 23.34 -1.56
N VAL A 104 -15.63 23.06 -1.33
CA VAL A 104 -16.72 23.56 -2.17
C VAL A 104 -17.86 24.02 -1.26
N TYR A 105 -18.60 25.05 -1.68
CA TYR A 105 -19.75 25.50 -0.91
C TYR A 105 -20.97 25.14 -1.68
N LEU A 106 -21.94 24.53 -0.99
CA LEU A 106 -23.24 24.18 -1.60
C LEU A 106 -24.33 25.06 -1.03
N LYS A 107 -24.87 25.93 -1.87
CA LYS A 107 -25.80 26.94 -1.39
C LYS A 107 -27.22 26.63 -1.83
N ALA A 108 -28.10 26.44 -0.84
CA ALA A 108 -29.51 26.12 -1.09
C ALA A 108 -30.39 27.17 -0.46
N ASN A 109 -31.34 27.68 -1.24
CA ASN A 109 -32.31 28.65 -0.76
C ASN A 109 -33.57 28.00 -0.23
N GLU B 1 4.37 -30.47 7.37
N GLU B 1 2.18 -28.68 5.65
CA GLU B 1 5.83 -30.33 7.12
CA GLU B 1 3.66 -28.80 5.78
C GLU B 1 6.35 -29.05 7.77
C GLU B 1 4.28 -27.54 6.41
N ALA B 2 6.02 -27.92 7.14
N ALA B 2 5.35 -27.72 7.17
CA ALA B 2 6.37 -26.59 7.64
CA ALA B 2 6.08 -26.57 7.69
C ALA B 2 6.03 -26.40 9.13
C ALA B 2 5.96 -26.42 9.23
N PRO B 3 6.76 -25.50 9.82
CA PRO B 3 6.52 -25.13 11.24
C PRO B 3 5.15 -24.46 11.46
N ARG B 4 4.67 -24.46 12.71
CA ARG B 4 3.41 -23.77 13.05
C ARG B 4 3.54 -22.26 13.04
N SER B 5 4.77 -21.78 13.21
CA SER B 5 5.04 -20.34 13.13
C SER B 5 6.46 -20.12 12.60
N VAL B 6 6.63 -18.99 11.90
CA VAL B 6 7.89 -18.61 11.29
C VAL B 6 7.99 -17.09 11.46
N ASP B 7 9.17 -16.56 11.80
CA ASP B 7 9.35 -15.11 11.81
C ASP B 7 10.79 -14.76 11.49
N TRP B 8 11.00 -14.37 10.22
CA TRP B 8 12.35 -14.13 9.69
C TRP B 8 13.01 -12.90 10.32
N ARG B 9 12.22 -12.02 10.96
CA ARG B 9 12.86 -10.89 11.68
C ARG B 9 13.78 -11.39 12.77
N GLU B 10 13.38 -12.49 13.43
CA GLU B 10 14.15 -13.05 14.52
C GLU B 10 15.43 -13.76 14.05
N LYS B 11 15.55 -13.96 12.74
CA LYS B 11 16.70 -14.63 12.14
C LYS B 11 17.66 -13.67 11.44
N GLY B 12 17.35 -12.37 11.44
CA GLY B 12 18.28 -11.36 10.90
C GLY B 12 18.06 -11.02 9.42
N TYR B 13 16.97 -11.51 8.84
CA TYR B 13 16.69 -11.34 7.41
C TYR B 13 16.04 -10.02 7.02
N VAL B 14 15.63 -9.20 8.01
CA VAL B 14 14.69 -8.12 7.72
C VAL B 14 15.19 -6.75 8.25
N THR B 15 15.31 -5.79 7.33
CA THR B 15 15.71 -4.41 7.70
C THR B 15 14.54 -3.73 8.44
N PRO B 16 14.82 -2.65 9.17
CA PRO B 16 13.71 -1.93 9.77
C PRO B 16 12.67 -1.44 8.75
N VAL B 17 11.49 -1.13 9.27
CA VAL B 17 10.38 -0.59 8.46
C VAL B 17 10.75 0.76 7.83
N LYS B 18 10.45 0.85 6.54
CA LYS B 18 10.68 2.07 5.74
C LYS B 18 9.35 2.79 5.44
N ASN B 19 9.45 3.91 4.74
CA ASN B 19 8.28 4.75 4.46
C ASN B 19 8.28 5.24 3.01
N GLN B 20 7.35 4.69 2.22
CA GLN B 20 7.21 5.09 0.82
C GLN B 20 6.75 6.54 0.66
N GLY B 21 6.14 7.10 1.69
CA GLY B 21 5.59 8.47 1.60
C GLY B 21 4.46 8.60 0.58
N GLN B 22 4.30 9.80 0.03
CA GLN B 22 3.19 10.04 -0.88
C GLN B 22 3.62 9.70 -2.33
N CYS B 23 3.78 8.40 -2.56
CA CYS B 23 4.34 7.90 -3.81
C CYS B 23 3.92 6.43 -3.93
N GLY B 24 3.46 6.06 -5.13
CA GLY B 24 2.92 4.71 -5.34
C GLY B 24 4.04 3.73 -5.63
N SER B 25 4.99 3.65 -4.71
CA SER B 25 6.23 2.86 -4.94
C SER B 25 6.39 1.65 -4.02
N ALA B 26 5.31 1.21 -3.37
CA ALA B 26 5.39 0.08 -2.47
C ALA B 26 5.98 -1.15 -3.16
N TRP B 27 5.67 -1.32 -4.45
CA TRP B 27 6.28 -2.42 -5.24
C TRP B 27 7.82 -2.47 -5.09
N ALA B 28 8.46 -1.29 -4.98
CA ALA B 28 9.91 -1.17 -4.91
C ALA B 28 10.35 -1.60 -3.50
N PHE B 29 9.57 -1.25 -2.48
CA PHE B 29 9.88 -1.65 -1.08
C PHE B 29 9.71 -3.15 -0.88
N SER B 30 8.64 -3.69 -1.47
CA SER B 30 8.43 -5.14 -1.45
C SER B 30 9.61 -5.84 -2.14
N ALA B 31 10.08 -5.30 -3.27
CA ALA B 31 11.20 -5.93 -3.99
C ALA B 31 12.52 -5.86 -3.23
N THR B 32 12.85 -4.69 -2.67
CA THR B 32 14.11 -4.57 -1.90
C THR B 32 14.01 -5.45 -0.65
N GLY B 33 12.83 -5.55 -0.03
CA GLY B 33 12.68 -6.42 1.15
C GLY B 33 12.99 -7.89 0.84
N ALA B 34 12.44 -8.38 -0.26
CA ALA B 34 12.67 -9.77 -0.66
C ALA B 34 14.14 -9.98 -1.01
N LEU B 35 14.71 -9.05 -1.79
CA LEU B 35 16.12 -9.14 -2.14
C LEU B 35 17.05 -9.01 -0.90
N GLU B 36 16.68 -8.15 0.06
CA GLU B 36 17.46 -8.02 1.30
C GLU B 36 17.55 -9.36 1.99
N GLY B 37 16.39 -10.03 2.06
CA GLY B 37 16.33 -11.35 2.69
C GLY B 37 17.15 -12.40 1.96
N GLN B 38 17.12 -12.41 0.63
CA GLN B 38 17.84 -13.47 -0.07
C GLN B 38 19.34 -13.20 -0.07
N MET B 39 19.71 -11.93 -0.10
CA MET B 39 21.12 -11.60 -0.03
C MET B 39 21.64 -12.01 1.35
N PHE B 40 20.83 -11.83 2.38
CA PHE B 40 21.25 -12.20 3.75
C PHE B 40 21.45 -13.72 3.88
N ARG B 41 20.52 -14.49 3.33
CA ARG B 41 20.68 -15.94 3.27
C ARG B 41 21.99 -16.31 2.57
N LYS B 42 22.33 -15.60 1.51
CA LYS B 42 23.52 -15.97 0.71
C LYS B 42 24.83 -15.58 1.40
N THR B 43 24.90 -14.38 1.96
CA THR B 43 26.17 -13.79 2.40
C THR B 43 26.32 -13.66 3.91
N GLY B 44 25.20 -13.73 4.60
CA GLY B 44 25.16 -13.45 6.03
C GLY B 44 25.23 -11.96 6.37
N ARG B 45 25.09 -11.09 5.37
CA ARG B 45 25.16 -9.64 5.56
C ARG B 45 23.83 -9.02 5.21
N LEU B 46 23.21 -8.31 6.15
CA LEU B 46 21.97 -7.60 5.91
C LEU B 46 22.31 -6.17 5.51
N ILE B 47 21.99 -5.80 4.28
CA ILE B 47 22.34 -4.46 3.79
C ILE B 47 21.08 -3.87 3.16
N SER B 48 20.66 -2.71 3.67
CA SER B 48 19.49 -2.05 3.12
C SER B 48 19.74 -1.61 1.68
N LEU B 49 18.75 -1.85 0.82
CA LEU B 49 18.89 -1.63 -0.64
C LEU B 49 18.06 -0.44 -1.10
N SER B 50 18.38 0.07 -2.28
CA SER B 50 17.80 1.32 -2.80
C SER B 50 16.51 1.18 -3.59
N GLU B 51 15.41 1.60 -2.96
CA GLU B 51 14.12 1.69 -3.63
C GLU B 51 14.20 2.79 -4.69
N GLN B 52 14.94 3.85 -4.43
CA GLN B 52 15.02 4.92 -5.42
C GLN B 52 15.66 4.46 -6.74
N ASN B 53 16.69 3.62 -6.63
CA ASN B 53 17.32 2.99 -7.78
C ASN B 53 16.25 2.27 -8.64
N LEU B 54 15.32 1.55 -7.99
CA LEU B 54 14.26 0.87 -8.73
C LEU B 54 13.30 1.87 -9.35
N VAL B 55 12.90 2.86 -8.55
CA VAL B 55 11.95 3.88 -9.03
C VAL B 55 12.49 4.64 -10.25
N ASP B 56 13.73 5.07 -10.18
CA ASP B 56 14.31 5.91 -11.25
C ASP B 56 14.67 5.11 -12.50
N CYS B 57 14.97 3.82 -12.36
CA CYS B 57 15.74 3.13 -13.41
C CYS B 57 15.01 1.95 -14.09
N SER B 58 13.93 1.46 -13.48
CA SER B 58 13.28 0.24 -13.99
C SER B 58 12.08 0.45 -14.94
N GLY B 59 11.96 1.62 -15.54
CA GLY B 59 10.98 1.86 -16.60
C GLY B 59 11.04 0.87 -17.78
N PRO B 60 12.27 0.57 -18.29
CA PRO B 60 12.33 -0.39 -19.42
C PRO B 60 11.71 -1.77 -19.15
N GLN B 61 11.69 -2.16 -17.87
CA GLN B 61 11.15 -3.44 -17.44
C GLN B 61 9.63 -3.40 -17.19
N GLY B 62 9.07 -2.20 -17.30
CA GLY B 62 7.62 -2.05 -17.18
C GLY B 62 7.13 -1.24 -16.00
N ASN B 63 8.04 -0.80 -15.13
CA ASN B 63 7.61 -0.04 -13.95
C ASN B 63 7.32 1.45 -14.22
N GLU B 64 6.45 2.05 -13.40
CA GLU B 64 6.02 3.42 -13.60
C GLU B 64 6.23 4.30 -12.36
N GLY B 65 7.33 4.05 -11.66
CA GLY B 65 7.80 4.98 -10.63
C GLY B 65 6.81 5.15 -9.51
N CYS B 66 6.38 6.40 -9.26
CA CYS B 66 5.39 6.69 -8.21
C CYS B 66 3.97 6.42 -8.65
N ASN B 67 3.80 6.04 -9.93
CA ASN B 67 2.50 5.60 -10.44
C ASN B 67 2.34 4.08 -10.53
N GLY B 68 3.19 3.34 -9.85
CA GLY B 68 2.98 1.90 -9.71
C GLY B 68 4.03 1.04 -10.38
N GLY B 69 4.03 -0.25 -10.04
CA GLY B 69 5.03 -1.16 -10.60
C GLY B 69 4.76 -2.57 -10.16
N LEU B 70 5.70 -3.47 -10.47
CA LEU B 70 5.56 -4.88 -10.02
C LEU B 70 6.88 -5.38 -9.53
N MET B 71 6.82 -6.21 -8.48
CA MET B 71 8.04 -6.78 -7.91
C MET B 71 8.83 -7.61 -8.95
N ASP B 72 8.11 -8.38 -9.77
CA ASP B 72 8.76 -9.21 -10.77
C ASP B 72 9.53 -8.32 -11.76
N TYR B 73 8.96 -7.17 -12.11
CA TYR B 73 9.65 -6.23 -13.01
C TYR B 73 10.91 -5.68 -12.36
N ALA B 74 10.81 -5.36 -11.06
CA ALA B 74 11.99 -4.94 -10.29
C ALA B 74 13.07 -6.05 -10.30
N PHE B 75 12.67 -7.31 -10.11
CA PHE B 75 13.65 -8.40 -10.06
C PHE B 75 14.33 -8.56 -11.44
N GLN B 76 13.55 -8.38 -12.51
CA GLN B 76 14.10 -8.49 -13.87
C GLN B 76 15.08 -7.33 -14.10
N TYR B 77 14.74 -6.13 -13.63
CA TYR B 77 15.68 -5.00 -13.74
C TYR B 77 17.03 -5.28 -13.09
N VAL B 78 17.01 -5.81 -11.85
CA VAL B 78 18.26 -6.07 -11.15
C VAL B 78 19.12 -7.03 -11.97
N GLN B 79 18.47 -8.02 -12.56
CA GLN B 79 19.20 -8.99 -13.40
C GLN B 79 19.75 -8.33 -14.66
N ASP B 80 18.89 -7.59 -15.36
CA ASP B 80 19.32 -6.95 -16.62
C ASP B 80 20.45 -5.97 -16.33
N ASN B 81 20.34 -5.28 -15.21
CA ASN B 81 21.23 -4.18 -14.87
C ASN B 81 22.59 -4.66 -14.33
N GLY B 82 22.63 -5.91 -13.88
CA GLY B 82 23.84 -6.50 -13.32
C GLY B 82 24.14 -5.99 -11.92
N GLY B 83 23.12 -5.47 -11.22
CA GLY B 83 23.35 -4.96 -9.86
C GLY B 83 22.26 -4.03 -9.33
N LEU B 84 22.38 -3.64 -8.05
CA LEU B 84 21.44 -2.73 -7.40
C LEU B 84 22.24 -2.03 -6.31
N ASP B 85 22.10 -0.71 -6.23
CA ASP B 85 22.86 0.07 -5.24
C ASP B 85 22.28 -0.05 -3.82
N SER B 86 23.12 0.25 -2.82
CA SER B 86 22.69 0.30 -1.43
C SER B 86 21.78 1.50 -1.16
N GLU B 87 20.92 1.38 -0.14
CA GLU B 87 20.10 2.51 0.34
C GLU B 87 20.99 3.71 0.64
N GLU B 88 22.09 3.44 1.34
CA GLU B 88 23.04 4.49 1.73
C GLU B 88 23.57 5.26 0.53
N SER B 89 23.93 4.56 -0.55
CA SER B 89 24.55 5.20 -1.72
C SER B 89 23.52 5.88 -2.62
N TYR B 90 22.23 5.58 -2.44
CA TYR B 90 21.21 6.05 -3.38
C TYR B 90 19.89 6.17 -2.61
N PRO B 91 19.82 7.18 -1.73
CA PRO B 91 18.76 7.35 -0.73
C PRO B 91 17.39 7.63 -1.34
N TYR B 92 16.35 7.42 -0.54
CA TYR B 92 14.97 7.47 -1.02
C TYR B 92 14.42 8.90 -1.00
N GLU B 93 13.88 9.31 -2.14
CA GLU B 93 13.42 10.69 -2.35
C GLU B 93 11.89 10.84 -2.47
N ALA B 94 11.18 9.72 -2.63
CA ALA B 94 9.70 9.70 -2.79
C ALA B 94 9.16 10.46 -4.00
N THR B 95 10.01 10.62 -5.02
CA THR B 95 9.64 11.22 -6.29
C THR B 95 10.36 10.48 -7.41
N GLU B 96 9.83 10.48 -8.63
CA GLU B 96 10.59 9.87 -9.73
C GLU B 96 11.65 10.83 -10.29
N GLU B 97 12.88 10.34 -10.44
CA GLU B 97 14.03 11.20 -10.82
C GLU B 97 14.83 10.48 -11.91
N SER B 98 15.84 11.16 -12.46
CA SER B 98 16.69 10.51 -13.47
C SER B 98 17.51 9.37 -12.85
N CYS B 99 17.79 8.36 -13.65
CA CYS B 99 18.54 7.21 -13.17
C CYS B 99 19.99 7.59 -12.80
N LYS B 100 20.41 7.26 -11.57
CA LYS B 100 21.77 7.58 -11.09
C LYS B 100 22.49 6.33 -10.60
N TYR B 101 22.07 5.18 -11.14
CA TYR B 101 22.70 3.90 -10.80
C TYR B 101 24.20 3.96 -11.01
N ASN B 102 24.96 3.56 -10.00
CA ASN B 102 26.41 3.52 -10.11
C ASN B 102 26.88 2.13 -9.73
N PRO B 103 27.46 1.39 -10.69
CA PRO B 103 27.89 0.03 -10.37
C PRO B 103 28.91 -0.07 -9.23
N LYS B 104 29.69 0.99 -8.99
CA LYS B 104 30.65 1.01 -7.89
C LYS B 104 30.00 0.71 -6.54
N TYR B 105 28.73 1.10 -6.39
CA TYR B 105 28.00 0.94 -5.15
C TYR B 105 26.98 -0.18 -5.13
N SER B 106 27.02 -1.04 -6.16
CA SER B 106 26.12 -2.18 -6.18
C SER B 106 26.47 -3.11 -5.04
N VAL B 107 25.46 -3.55 -4.29
CA VAL B 107 25.68 -4.53 -3.22
C VAL B 107 24.77 -5.76 -3.33
N ALA B 108 24.00 -5.86 -4.40
CA ALA B 108 23.13 -7.02 -4.61
C ALA B 108 23.00 -7.32 -6.09
N ASN B 109 22.65 -8.57 -6.40
CA ASN B 109 22.39 -8.98 -7.78
C ASN B 109 21.30 -10.05 -7.72
N ASP B 110 20.73 -10.39 -8.86
CA ASP B 110 19.86 -11.57 -8.91
C ASP B 110 19.95 -12.25 -10.27
N THR B 111 19.50 -13.50 -10.30
CA THR B 111 19.64 -14.33 -11.51
C THR B 111 18.29 -14.62 -12.16
N GLY B 112 17.26 -13.91 -11.71
CA GLY B 112 15.87 -14.21 -12.09
C GLY B 112 14.94 -14.18 -10.89
N PHE B 113 13.75 -14.75 -11.06
CA PHE B 113 12.76 -14.74 -9.98
C PHE B 113 11.85 -15.95 -10.16
N VAL B 114 11.21 -16.35 -9.05
CA VAL B 114 10.32 -17.49 -9.01
C VAL B 114 8.96 -17.02 -8.51
N ASP B 115 7.91 -17.41 -9.23
CA ASP B 115 6.54 -17.05 -8.88
C ASP B 115 5.91 -18.24 -8.17
N ILE B 116 5.27 -17.98 -7.02
CA ILE B 116 4.68 -19.02 -6.19
C ILE B 116 3.30 -19.42 -6.72
N PRO B 117 2.99 -20.74 -6.73
CA PRO B 117 1.60 -21.10 -7.07
C PRO B 117 0.53 -20.36 -6.25
N LYS B 118 -0.61 -20.10 -6.87
CA LYS B 118 -1.63 -19.21 -6.28
C LYS B 118 -2.46 -19.92 -5.20
N GLN B 119 -1.79 -20.41 -4.15
CA GLN B 119 -2.43 -21.13 -3.03
C GLN B 119 -1.76 -20.75 -1.72
N GLU B 120 -2.55 -20.56 -0.64
CA GLU B 120 -1.94 -20.29 0.68
C GLU B 120 -1.07 -21.42 1.19
N LYS B 121 -1.37 -22.67 0.83
CA LYS B 121 -0.47 -23.79 1.18
C LYS B 121 0.94 -23.61 0.58
N ALA B 122 0.99 -23.23 -0.69
CA ALA B 122 2.24 -22.99 -1.39
C ALA B 122 2.99 -21.78 -0.84
N LEU B 123 2.23 -20.74 -0.49
CA LEU B 123 2.84 -19.56 0.08
C LEU B 123 3.43 -19.93 1.44
N MET B 124 2.73 -20.76 2.22
CA MET B 124 3.24 -21.15 3.54
C MET B 124 4.59 -21.90 3.39
N LYS B 125 4.66 -22.84 2.45
CA LYS B 125 5.90 -23.58 2.20
C LYS B 125 7.03 -22.67 1.73
N ALA B 126 6.74 -21.72 0.86
CA ALA B 126 7.78 -20.79 0.40
C ALA B 126 8.29 -19.94 1.56
N VAL B 127 7.37 -19.44 2.39
CA VAL B 127 7.80 -18.58 3.52
C VAL B 127 8.72 -19.38 4.47
N ALA B 128 8.29 -20.60 4.77
CA ALA B 128 9.03 -21.50 5.64
C ALA B 128 10.41 -21.84 5.11
N THR B 129 10.51 -22.06 3.78
CA THR B 129 11.74 -22.61 3.20
C THR B 129 12.69 -21.57 2.58
N VAL B 130 12.16 -20.44 2.10
CA VAL B 130 12.96 -19.51 1.31
C VAL B 130 13.40 -18.30 2.10
N GLY B 131 12.47 -17.74 2.89
CA GLY B 131 12.69 -16.43 3.54
C GLY B 131 11.51 -15.50 3.23
N PRO B 132 11.68 -14.19 3.46
CA PRO B 132 10.58 -13.23 3.18
C PRO B 132 10.15 -13.25 1.72
N ILE B 133 8.85 -13.14 1.49
CA ILE B 133 8.27 -13.33 0.15
C ILE B 133 7.51 -12.06 -0.26
N SER B 134 7.75 -11.57 -1.48
CA SER B 134 6.99 -10.45 -2.02
C SER B 134 5.56 -10.88 -2.36
N VAL B 135 4.55 -10.11 -1.91
CA VAL B 135 3.15 -10.45 -2.18
C VAL B 135 2.38 -9.20 -2.57
N ALA B 136 1.28 -9.41 -3.32
CA ALA B 136 0.33 -8.34 -3.61
C ALA B 136 -0.91 -8.57 -2.78
N ILE B 137 -1.47 -7.50 -2.21
CA ILE B 137 -2.73 -7.60 -1.52
C ILE B 137 -3.70 -6.48 -1.97
N ASP B 138 -4.97 -6.72 -1.70
CA ASP B 138 -5.99 -5.66 -1.76
C ASP B 138 -5.93 -4.83 -0.48
N ALA B 139 -5.28 -3.66 -0.59
CA ALA B 139 -5.13 -2.72 0.52
C ALA B 139 -6.10 -1.53 0.40
N GLY B 140 -6.97 -1.56 -0.61
CA GLY B 140 -7.80 -0.36 -0.89
C GLY B 140 -9.07 -0.24 -0.03
N HIS B 141 -8.92 -0.35 1.28
CA HIS B 141 -10.06 -0.22 2.20
C HIS B 141 -9.68 0.64 3.37
N GLU B 142 -10.61 1.49 3.81
CA GLU B 142 -10.33 2.35 4.98
C GLU B 142 -9.94 1.55 6.22
N SER B 143 -10.48 0.35 6.37
CA SER B 143 -10.07 -0.49 7.53
C SER B 143 -8.56 -0.74 7.58
N PHE B 144 -7.92 -0.83 6.41
CA PHE B 144 -6.47 -1.06 6.33
C PHE B 144 -5.71 0.20 6.73
N LEU B 145 -6.18 1.36 6.28
CA LEU B 145 -5.54 2.62 6.68
C LEU B 145 -5.61 2.81 8.22
N PHE B 146 -6.74 2.41 8.81
CA PHE B 146 -6.97 2.54 10.27
C PHE B 146 -6.45 1.36 11.12
N TYR B 147 -5.77 0.40 10.48
CA TYR B 147 -5.31 -0.80 11.20
C TYR B 147 -4.31 -0.44 12.30
N LYS B 148 -4.54 -1.04 13.48
CA LYS B 148 -3.69 -0.81 14.64
C LYS B 148 -3.07 -2.10 15.20
N GLU B 149 -3.89 -3.11 15.46
CA GLU B 149 -3.40 -4.36 16.05
C GLU B 149 -4.40 -5.46 15.86
N GLY B 150 -3.97 -6.69 16.16
CA GLY B 150 -4.83 -7.86 16.02
C GLY B 150 -4.81 -8.42 14.61
N ILE B 151 -5.62 -9.45 14.37
CA ILE B 151 -5.64 -10.03 13.03
C ILE B 151 -6.57 -9.21 12.13
N TYR B 152 -6.02 -8.72 11.03
CA TYR B 152 -6.79 -7.94 10.07
C TYR B 152 -7.68 -8.87 9.21
N PHE B 153 -8.99 -8.63 9.26
CA PHE B 153 -9.94 -9.32 8.37
C PHE B 153 -10.92 -8.27 7.85
N GLU B 154 -11.00 -8.13 6.54
CA GLU B 154 -11.90 -7.16 5.93
C GLU B 154 -12.92 -7.89 5.05
N PRO B 155 -14.20 -7.95 5.51
CA PRO B 155 -15.20 -8.73 4.72
C PRO B 155 -15.27 -8.34 3.23
N ASP B 156 -14.95 -7.09 2.91
CA ASP B 156 -15.07 -6.63 1.49
C ASP B 156 -13.78 -6.81 0.65
N CYS B 157 -12.78 -7.49 1.22
CA CYS B 157 -11.50 -7.71 0.52
C CYS B 157 -11.63 -8.63 -0.68
N SER B 158 -10.88 -8.34 -1.74
CA SER B 158 -10.91 -9.22 -2.94
C SER B 158 -9.71 -10.14 -2.93
N SER B 159 -9.90 -11.39 -3.41
CA SER B 159 -8.79 -12.35 -3.57
C SER B 159 -8.15 -12.23 -4.98
N GLU B 160 -8.74 -11.39 -5.83
CA GLU B 160 -8.43 -11.38 -7.28
C GLU B 160 -7.87 -10.04 -7.73
N ASP B 161 -8.36 -8.98 -7.10
CA ASP B 161 -7.98 -7.64 -7.50
C ASP B 161 -7.13 -6.99 -6.40
N MET B 162 -5.82 -7.11 -6.53
CA MET B 162 -4.84 -6.54 -5.59
C MET B 162 -4.23 -5.25 -6.14
N ASP B 163 -3.80 -4.38 -5.23
CA ASP B 163 -3.27 -3.08 -5.61
C ASP B 163 -1.99 -2.65 -4.88
N HIS B 164 -1.49 -3.45 -3.94
CA HIS B 164 -0.40 -3.00 -3.05
C HIS B 164 0.64 -4.08 -2.82
N GLY B 165 1.92 -3.73 -2.98
CA GLY B 165 3.01 -4.70 -2.81
C GLY B 165 3.58 -4.62 -1.41
N VAL B 166 3.63 -5.76 -0.69
CA VAL B 166 4.15 -5.81 0.70
C VAL B 166 5.00 -7.06 0.82
N LEU B 167 5.44 -7.37 2.04
CA LEU B 167 6.38 -8.46 2.23
C LEU B 167 5.97 -9.38 3.38
N VAL B 168 5.82 -10.67 3.09
CA VAL B 168 5.48 -11.63 4.14
C VAL B 168 6.77 -12.11 4.78
N VAL B 169 6.94 -11.84 6.08
CA VAL B 169 8.16 -12.23 6.78
C VAL B 169 7.94 -13.44 7.70
N GLY B 170 6.72 -13.96 7.73
CA GLY B 170 6.41 -15.12 8.56
C GLY B 170 4.91 -15.32 8.67
N TYR B 171 4.53 -16.18 9.62
CA TYR B 171 3.14 -16.50 9.91
C TYR B 171 3.05 -17.07 11.30
N GLY B 172 1.83 -17.15 11.81
CA GLY B 172 1.67 -17.67 13.17
C GLY B 172 0.19 -17.78 13.56
N PHE B 173 -0.07 -17.79 14.86
CA PHE B 173 -1.46 -17.86 15.34
C PHE B 173 -1.63 -17.09 16.67
N GLU B 174 -2.81 -16.53 16.90
CA GLU B 174 -3.06 -15.77 18.14
C GLU B 174 -3.49 -16.74 19.21
N SER B 175 -2.81 -16.67 20.35
CA SER B 175 -3.19 -17.44 21.54
C SER B 175 -4.65 -17.20 21.94
N THR B 176 -5.07 -15.95 21.82
CA THR B 176 -6.32 -15.48 22.40
C THR B 176 -7.55 -15.81 21.57
N GLU B 177 -7.45 -15.66 20.25
CA GLU B 177 -8.57 -15.96 19.35
C GLU B 177 -8.71 -17.49 19.27
N SER B 178 -9.87 -17.96 18.81
CA SER B 178 -10.07 -19.43 18.75
C SER B 178 -11.16 -19.97 17.80
N ASP B 179 -10.94 -19.76 16.50
CA ASP B 179 -11.67 -20.43 15.41
C ASP B 179 -10.91 -20.22 14.10
N ASN B 180 -10.79 -18.95 13.71
CA ASN B 180 -9.99 -18.54 12.56
C ASN B 180 -8.89 -17.66 13.15
N ASN B 181 -7.88 -18.28 13.75
CA ASN B 181 -6.91 -17.50 14.50
C ASN B 181 -5.49 -17.46 13.94
N LYS B 182 -5.33 -17.76 12.64
CA LYS B 182 -4.00 -17.76 12.04
C LYS B 182 -3.76 -16.47 11.28
N TYR B 183 -2.49 -16.09 11.14
CA TYR B 183 -2.16 -14.88 10.39
C TYR B 183 -0.86 -15.04 9.64
N TRP B 184 -0.72 -14.18 8.63
CA TRP B 184 0.55 -13.89 7.94
C TRP B 184 1.15 -12.66 8.60
N LEU B 185 2.47 -12.65 8.85
CA LEU B 185 3.15 -11.47 9.39
C LEU B 185 3.64 -10.66 8.19
N VAL B 186 3.10 -9.44 8.02
CA VAL B 186 3.32 -8.67 6.82
C VAL B 186 3.99 -7.32 7.17
N LYS B 187 5.14 -7.08 6.54
CA LYS B 187 5.85 -5.81 6.63
C LYS B 187 5.27 -4.86 5.59
N ASN B 188 4.77 -3.71 6.06
CA ASN B 188 4.26 -2.65 5.16
C ASN B 188 5.36 -1.59 4.97
N SER B 189 5.12 -0.61 4.10
CA SER B 189 6.08 0.47 3.91
C SER B 189 5.45 1.84 4.20
N TRP B 190 4.67 1.92 5.29
CA TRP B 190 4.02 3.17 5.68
C TRP B 190 4.60 3.74 7.00
N GLY B 191 5.86 3.37 7.28
CA GLY B 191 6.50 3.76 8.54
C GLY B 191 6.09 2.94 9.76
N GLU B 192 6.85 3.09 10.84
CA GLU B 192 6.61 2.35 12.09
C GLU B 192 5.33 2.76 12.82
N GLU B 193 4.84 3.95 12.53
CA GLU B 193 3.67 4.49 13.19
C GLU B 193 2.34 3.88 12.73
N TRP B 194 2.37 3.09 11.67
CA TRP B 194 1.15 2.43 11.18
C TRP B 194 1.12 0.99 11.73
N GLY B 195 -0.04 0.45 12.11
CA GLY B 195 -0.09 -0.95 12.51
C GLY B 195 0.73 -1.29 13.75
N MET B 196 1.31 -2.49 13.74
CA MET B 196 2.07 -2.98 14.89
C MET B 196 3.54 -2.70 14.62
N GLY B 197 4.00 -1.50 14.96
CA GLY B 197 5.36 -1.11 14.56
C GLY B 197 5.62 -1.21 13.07
N GLY B 198 4.60 -0.97 12.25
CA GLY B 198 4.80 -1.03 10.80
C GLY B 198 4.32 -2.31 10.14
N TYR B 199 3.90 -3.29 10.97
CA TYR B 199 3.47 -4.63 10.51
C TYR B 199 1.98 -4.83 10.66
N VAL B 200 1.44 -5.78 9.89
CA VAL B 200 0.02 -6.19 10.05
C VAL B 200 -0.04 -7.70 10.07
N LYS B 201 -0.84 -8.23 11.00
CA LYS B 201 -1.16 -9.66 11.01
C LYS B 201 -2.36 -9.88 10.08
N MET B 202 -2.11 -10.35 8.86
CA MET B 202 -3.22 -10.50 7.91
C MET B 202 -3.84 -11.87 8.06
N ALA B 203 -5.17 -11.95 8.00
CA ALA B 203 -5.82 -13.23 8.18
C ALA B 203 -5.28 -14.28 7.20
N LYS B 204 -4.93 -15.44 7.78
CA LYS B 204 -4.37 -16.57 7.06
C LYS B 204 -5.32 -17.76 7.05
N ASP B 205 -5.38 -18.49 5.94
CA ASP B 205 -6.27 -19.65 5.79
C ASP B 205 -7.73 -19.24 5.98
N ARG B 206 -8.04 -18.06 5.49
CA ARG B 206 -9.40 -17.57 5.38
C ARG B 206 -9.69 -17.28 3.89
N ARG B 207 -9.51 -18.34 3.09
CA ARG B 207 -9.82 -18.30 1.64
C ARG B 207 -9.02 -17.25 0.88
N ASN B 208 -7.70 -17.26 1.09
CA ASN B 208 -6.79 -16.34 0.37
C ASN B 208 -7.28 -14.89 0.55
N HIS B 209 -7.37 -14.48 1.82
CA HIS B 209 -7.96 -13.21 2.18
C HIS B 209 -7.12 -12.05 1.60
N CYS B 210 -7.79 -11.09 0.94
CA CYS B 210 -7.11 -9.95 0.31
C CYS B 210 -6.11 -10.34 -0.81
N GLY B 211 -6.16 -11.60 -1.24
CA GLY B 211 -5.40 -12.02 -2.44
C GLY B 211 -3.93 -12.21 -2.16
N ILE B 212 -3.59 -12.41 -0.88
CA ILE B 212 -2.18 -12.44 -0.48
C ILE B 212 -1.36 -13.54 -1.20
N ALA B 213 -2.02 -14.64 -1.58
CA ALA B 213 -1.31 -15.72 -2.28
C ALA B 213 -1.44 -15.68 -3.78
N SER B 214 -2.10 -14.64 -4.31
CA SER B 214 -2.41 -14.55 -5.74
C SER B 214 -1.31 -14.04 -6.70
N ALA B 215 -0.29 -13.34 -6.17
CA ALA B 215 0.79 -12.79 -7.01
C ALA B 215 2.07 -12.69 -6.19
N ALA B 216 2.48 -13.81 -5.60
CA ALA B 216 3.63 -13.83 -4.67
C ALA B 216 4.86 -14.33 -5.43
N SER B 217 6.03 -13.79 -5.07
CA SER B 217 7.26 -14.18 -5.75
C SER B 217 8.49 -13.83 -4.90
N TYR B 218 9.64 -14.33 -5.34
CA TYR B 218 10.91 -13.93 -4.73
C TYR B 218 12.05 -13.95 -5.75
N PRO B 219 13.15 -13.17 -5.52
CA PRO B 219 14.28 -13.17 -6.46
C PRO B 219 15.21 -14.35 -6.19
N THR B 220 15.81 -14.93 -7.23
CA THR B 220 16.83 -15.96 -7.02
C THR B 220 18.22 -15.30 -7.01
N VAL B 221 19.10 -15.70 -6.09
CA VAL B 221 20.42 -15.05 -6.01
C VAL B 221 21.59 -16.03 -6.13
C1 NAG C . 26.96 -9.60 -9.55
C2 NAG C . 28.18 -8.98 -8.87
C3 NAG C . 29.28 -8.53 -9.82
C4 NAG C . 29.50 -9.54 -10.93
C5 NAG C . 28.19 -9.65 -11.74
C6 NAG C . 28.16 -10.88 -12.66
C7 NAG C . 27.75 -7.94 -6.70
C8 NAG C . 27.26 -6.71 -5.99
N2 NAG C . 27.79 -7.87 -8.02
O3 NAG C . 30.47 -8.35 -9.09
O4 NAG C . 30.53 -9.06 -11.77
O5 NAG C . 26.97 -9.51 -10.98
O6 NAG C . 28.75 -12.01 -12.05
O7 NAG C . 28.08 -8.94 -6.05
C1 NAG C . 31.56 -10.03 -12.04
C2 NAG C . 32.43 -9.49 -13.18
C3 NAG C . 33.71 -10.30 -13.45
C4 NAG C . 34.36 -10.89 -12.19
C5 NAG C . 33.30 -11.35 -11.19
C6 NAG C . 33.89 -11.82 -9.87
C7 NAG C . 30.97 -8.34 -14.77
C8 NAG C . 31.25 -7.03 -14.08
N2 NAG C . 31.67 -9.42 -14.42
O3 NAG C . 34.61 -9.42 -14.10
O4 NAG C . 35.16 -11.99 -12.58
O5 NAG C . 32.40 -10.29 -10.94
O6 NAG C . 34.36 -10.71 -9.15
O7 NAG C . 30.10 -8.39 -15.65
NA NA D . -5.24 -4.11 -11.28
CL CL E . -0.79 6.76 -10.54
#